data_9CCV
#
_entry.id   9CCV
#
_cell.length_a   104.953
_cell.length_b   104.953
_cell.length_c   63.450
_cell.angle_alpha   90.00
_cell.angle_beta   90.00
_cell.angle_gamma   90.00
#
_symmetry.space_group_name_H-M   'P 43 21 2'
#
loop_
_entity.id
_entity.type
_entity.pdbx_description
1 polymer 'Non-structural protein 1'
2 polymer 'Mediator of RNA polymerase II transcription subunit 25'
3 water water
#
loop_
_entity_poly.entity_id
_entity_poly.type
_entity_poly.pdbx_seq_one_letter_code
_entity_poly.pdbx_strand_id
1 'polypeptide(L)'
;GHMGSNSLSMIKVRLQNLFDNDEVALLKITCYTDKLIHLTNALAKAVIHTIKLNGIVFVHVITSSDICPNNNIVVKSNFT
TMPVLQNGGYIWEMMELTHCSQPNGLIDDNCEIKFSKKLSDSTMTNYMNQLSELLGFDLNP
;
A
2 'polypeptide(L)'
;MGSSHHHHHHSSGLVPRGSHIENLYFQGHMLGGQQSVSNKLLAWSGVLEWQEKPKPASVDANTKLTRSLPCQVYVNHGEN
LKTEQWPQKLIMQLIPQQLLTTLGPLFRNSRMVQFHFTNKDLESLKGLYRIMGNGFAGCVHFPHTAPCEVRVLMLLYSSK
KKIFMGLIPYDQSGFVNGIRQVITN
;
B
#
# COMPACT_ATOMS: atom_id res chain seq x y z
N ASN A 6 -17.46 -6.16 -23.93
CA ASN A 6 -18.65 -5.82 -23.09
C ASN A 6 -18.96 -6.98 -22.14
N SER A 7 -18.56 -8.20 -22.50
CA SER A 7 -18.87 -9.39 -21.71
C SER A 7 -17.97 -9.44 -20.47
N LEU A 8 -18.58 -9.82 -19.33
CA LEU A 8 -17.89 -9.85 -18.05
C LEU A 8 -17.61 -11.31 -17.65
N SER A 9 -16.42 -11.52 -17.08
CA SER A 9 -16.06 -12.79 -16.45
C SER A 9 -15.88 -12.58 -14.94
N MET A 10 -15.73 -13.67 -14.21
CA MET A 10 -15.43 -13.63 -12.78
C MET A 10 -14.53 -14.81 -12.43
N ILE A 11 -13.44 -14.52 -11.71
CA ILE A 11 -12.53 -15.56 -11.25
C ILE A 11 -12.64 -15.64 -9.73
N LYS A 12 -12.60 -16.88 -9.22
CA LYS A 12 -12.50 -17.15 -7.79
C LYS A 12 -11.09 -17.65 -7.50
N VAL A 13 -10.39 -16.95 -6.60
CA VAL A 13 -9.14 -17.44 -6.05
C VAL A 13 -9.38 -17.83 -4.60
N ARG A 14 -9.21 -19.11 -4.29
CA ARG A 14 -9.32 -19.59 -2.92
C ARG A 14 -7.92 -19.55 -2.31
N LEU A 15 -7.83 -18.95 -1.12
CA LEU A 15 -6.56 -18.68 -0.46
C LEU A 15 -6.60 -19.22 0.95
N GLN A 16 -5.42 -19.63 1.45
CA GLN A 16 -5.26 -19.89 2.87
C GLN A 16 -4.03 -19.12 3.35
N ASN A 17 -4.08 -18.69 4.62
CA ASN A 17 -2.97 -17.96 5.23
C ASN A 17 -1.79 -18.93 5.35
N LEU A 18 -0.62 -18.47 4.90
CA LEU A 18 0.58 -19.29 4.87
C LEU A 18 0.97 -19.74 6.28
N PHE A 19 0.71 -18.90 7.28
CA PHE A 19 1.13 -19.18 8.65
C PHE A 19 -0.01 -19.77 9.48
N ASP A 20 -1.21 -19.83 8.91
CA ASP A 20 -2.34 -20.43 9.61
C ASP A 20 -3.39 -20.85 8.59
N ASN A 21 -3.41 -22.15 8.26
CA ASN A 21 -4.25 -22.67 7.21
C ASN A 21 -5.73 -22.69 7.61
N ASP A 22 -6.05 -22.39 8.89
CA ASP A 22 -7.43 -22.23 9.30
C ASP A 22 -7.98 -20.88 8.81
N GLU A 23 -7.11 -19.87 8.67
CA GLU A 23 -7.52 -18.57 8.17
C GLU A 23 -7.56 -18.64 6.64
N VAL A 24 -8.76 -18.43 6.08
CA VAL A 24 -8.99 -18.61 4.66
C VAL A 24 -9.60 -17.33 4.08
N ALA A 25 -9.43 -17.16 2.77
CA ALA A 25 -9.96 -16.01 2.07
C ALA A 25 -10.47 -16.44 0.70
N LEU A 26 -11.39 -15.67 0.14
CA LEU A 26 -11.79 -15.84 -1.24
C LEU A 26 -11.73 -14.49 -1.95
N LEU A 27 -11.04 -14.49 -3.09
CA LEU A 27 -10.92 -13.30 -3.93
C LEU A 27 -11.72 -13.51 -5.22
N LYS A 28 -12.75 -12.67 -5.41
CA LYS A 28 -13.53 -12.66 -6.63
C LYS A 28 -13.06 -11.48 -7.48
N ILE A 29 -12.64 -11.74 -8.72
CA ILE A 29 -12.25 -10.71 -9.65
C ILE A 29 -13.14 -10.80 -10.89
N THR A 30 -13.73 -9.68 -11.30
CA THR A 30 -14.42 -9.58 -12.58
C THR A 30 -13.54 -8.80 -13.55
N CYS A 31 -13.57 -9.23 -14.83
CA CYS A 31 -12.85 -8.56 -15.89
C CYS A 31 -13.61 -8.73 -17.21
N TYR A 32 -13.15 -8.02 -18.24
CA TYR A 32 -13.64 -8.24 -19.60
C TYR A 32 -12.99 -9.52 -20.12
N THR A 33 -13.80 -10.34 -20.81
CA THR A 33 -13.38 -11.65 -21.27
C THR A 33 -12.19 -11.53 -22.22
N ASP A 34 -12.04 -10.33 -22.81
CA ASP A 34 -10.86 -9.96 -23.57
C ASP A 34 -9.60 -10.39 -22.82
N LYS A 35 -9.45 -9.95 -21.56
CA LYS A 35 -8.21 -10.11 -20.81
C LYS A 35 -8.27 -11.32 -19.88
N LEU A 36 -9.41 -12.02 -19.83
CA LEU A 36 -9.59 -13.14 -18.91
C LEU A 36 -8.36 -14.05 -18.92
N ILE A 37 -7.83 -14.34 -20.12
CA ILE A 37 -6.70 -15.24 -20.26
C ILE A 37 -5.43 -14.60 -19.70
N HIS A 38 -5.21 -13.31 -19.99
CA HIS A 38 -4.02 -12.61 -19.51
C HIS A 38 -4.02 -12.62 -17.98
N LEU A 39 -5.20 -12.39 -17.39
CA LEU A 39 -5.36 -12.32 -15.95
C LEU A 39 -5.00 -13.66 -15.31
N THR A 40 -5.59 -14.74 -15.81
CA THR A 40 -5.39 -16.07 -15.24
C THR A 40 -3.91 -16.45 -15.29
N ASN A 41 -3.24 -16.06 -16.38
CA ASN A 41 -1.82 -16.35 -16.55
C ASN A 41 -1.02 -15.63 -15.48
N ALA A 42 -1.39 -14.37 -15.22
CA ALA A 42 -0.73 -13.57 -14.20
C ALA A 42 -0.88 -14.26 -12.83
N LEU A 43 -2.11 -14.68 -12.51
CA LEU A 43 -2.42 -15.28 -11.22
C LEU A 43 -1.77 -16.66 -11.09
N ALA A 44 -1.77 -17.43 -12.18
CA ALA A 44 -1.18 -18.75 -12.21
C ALA A 44 0.28 -18.69 -11.76
N LYS A 45 0.99 -17.65 -12.20
CA LYS A 45 2.40 -17.46 -11.87
C LYS A 45 2.53 -16.28 -10.92
N ALA A 46 2.04 -16.43 -9.67
CA ALA A 46 2.00 -15.31 -8.76
C ALA A 46 1.84 -15.72 -7.29
N VAL A 47 2.17 -14.76 -6.42
CA VAL A 47 1.90 -14.83 -5.00
C VAL A 47 0.90 -13.73 -4.68
N ILE A 48 0.03 -13.98 -3.68
CA ILE A 48 -0.93 -12.96 -3.23
C ILE A 48 -0.60 -12.58 -1.79
N HIS A 49 -0.35 -11.28 -1.58
CA HIS A 49 -0.27 -10.70 -0.25
C HIS A 49 -1.41 -9.69 -0.11
N THR A 50 -1.79 -9.39 1.14
CA THR A 50 -2.77 -8.33 1.37
C THR A 50 -2.32 -7.46 2.54
N ILE A 51 -2.77 -6.20 2.51
CA ILE A 51 -2.65 -5.28 3.64
C ILE A 51 -4.04 -4.78 3.99
N LYS A 52 -4.48 -5.11 5.21
CA LYS A 52 -5.76 -4.64 5.71
C LYS A 52 -5.53 -3.42 6.60
N LEU A 53 -6.23 -2.32 6.27
CA LEU A 53 -6.34 -1.15 7.13
C LEU A 53 -7.83 -0.82 7.30
N ASN A 54 -8.44 -1.39 8.35
CA ASN A 54 -9.86 -1.24 8.57
C ASN A 54 -10.58 -1.65 7.29
N GLY A 55 -11.35 -0.73 6.69
CA GLY A 55 -12.17 -1.04 5.54
C GLY A 55 -11.41 -0.89 4.21
N ILE A 56 -10.09 -0.72 4.29
CA ILE A 56 -9.26 -0.65 3.11
C ILE A 56 -8.41 -1.92 3.03
N VAL A 57 -8.50 -2.59 1.88
CA VAL A 57 -7.84 -3.86 1.66
C VAL A 57 -7.10 -3.78 0.33
N PHE A 58 -5.77 -3.64 0.41
CA PHE A 58 -4.91 -3.74 -0.76
C PHE A 58 -4.59 -5.20 -1.02
N VAL A 59 -4.72 -5.63 -2.28
CA VAL A 59 -4.39 -7.00 -2.66
C VAL A 59 -3.20 -6.94 -3.62
N HIS A 60 -2.07 -7.51 -3.20
CA HIS A 60 -0.85 -7.49 -4.00
C HIS A 60 -0.72 -8.81 -4.73
N VAL A 61 -0.86 -8.75 -6.07
CA VAL A 61 -0.58 -9.88 -6.93
C VAL A 61 0.82 -9.70 -7.51
N ILE A 62 1.78 -10.49 -7.01
CA ILE A 62 3.15 -10.43 -7.48
C ILE A 62 3.35 -11.52 -8.53
N THR A 63 3.79 -11.14 -9.73
CA THR A 63 3.89 -12.08 -10.85
C THR A 63 5.34 -12.33 -11.24
N SER A 64 5.61 -13.58 -11.64
CA SER A 64 6.84 -13.94 -12.33
C SER A 64 6.60 -13.92 -13.85
N SER A 65 5.33 -13.89 -14.26
CA SER A 65 4.95 -13.92 -15.67
C SER A 65 5.53 -12.72 -16.41
N ASP A 66 5.79 -12.91 -17.71
CA ASP A 66 6.52 -11.95 -18.53
C ASP A 66 5.80 -10.61 -18.52
N ILE A 67 4.51 -10.61 -18.89
CA ILE A 67 3.70 -9.40 -18.93
C ILE A 67 3.03 -9.24 -17.57
N CYS A 68 3.14 -8.04 -17.00
CA CYS A 68 2.47 -7.69 -15.76
C CYS A 68 1.24 -6.85 -16.08
N PRO A 69 0.01 -7.35 -15.83
CA PRO A 69 -1.20 -6.63 -16.20
C PRO A 69 -1.32 -5.22 -15.63
N ASN A 70 -2.25 -4.45 -16.21
CA ASN A 70 -2.60 -3.13 -15.68
C ASN A 70 -3.72 -3.32 -14.66
N ASN A 71 -3.77 -2.42 -13.67
CA ASN A 71 -4.72 -2.52 -12.57
C ASN A 71 -6.15 -2.33 -13.08
N ASN A 72 -6.30 -1.63 -14.21
CA ASN A 72 -7.63 -1.26 -14.70
C ASN A 72 -8.32 -2.44 -15.40
N ILE A 73 -7.60 -3.54 -15.62
CA ILE A 73 -8.21 -4.72 -16.23
C ILE A 73 -9.15 -5.37 -15.23
N VAL A 74 -9.00 -5.02 -13.94
CA VAL A 74 -9.98 -5.37 -12.93
C VAL A 74 -11.12 -4.35 -12.98
N VAL A 75 -12.36 -4.85 -13.05
CA VAL A 75 -13.54 -4.00 -13.06
C VAL A 75 -14.07 -3.89 -11.64
N LYS A 76 -14.34 -5.05 -11.03
CA LYS A 76 -14.67 -5.15 -9.61
C LYS A 76 -13.81 -6.23 -8.98
N SER A 77 -13.63 -6.13 -7.66
CA SER A 77 -12.85 -7.09 -6.91
C SER A 77 -13.46 -7.22 -5.51
N ASN A 78 -13.63 -8.47 -5.05
CA ASN A 78 -14.20 -8.71 -3.73
C ASN A 78 -13.28 -9.64 -2.94
N PHE A 79 -12.89 -9.18 -1.74
CA PHE A 79 -12.06 -9.98 -0.84
C PHE A 79 -12.83 -10.24 0.46
N THR A 80 -13.03 -11.53 0.76
CA THR A 80 -13.70 -11.97 1.97
C THR A 80 -12.81 -12.98 2.70
N THR A 81 -12.75 -12.88 4.04
CA THR A 81 -11.95 -13.78 4.83
C THR A 81 -12.82 -14.45 5.90
N MET A 82 -12.31 -15.56 6.43
CA MET A 82 -12.95 -16.25 7.53
C MET A 82 -11.85 -16.84 8.42
N PRO A 83 -11.64 -16.35 9.67
CA PRO A 83 -12.40 -15.25 10.26
C PRO A 83 -12.01 -13.87 9.77
N VAL A 84 -12.61 -12.84 10.36
CA VAL A 84 -12.15 -11.47 10.18
C VAL A 84 -10.73 -11.37 10.73
N LEU A 85 -9.93 -10.49 10.12
CA LEU A 85 -8.52 -10.40 10.45
C LEU A 85 -8.22 -9.01 11.01
N GLN A 86 -7.20 -8.94 11.87
CA GLN A 86 -6.66 -7.69 12.33
C GLN A 86 -6.05 -6.93 11.15
N ASN A 87 -5.99 -5.60 11.28
CA ASN A 87 -5.14 -4.78 10.44
C ASN A 87 -3.73 -5.37 10.43
N GLY A 88 -3.09 -5.34 9.26
CA GLY A 88 -1.74 -5.85 9.13
C GLY A 88 -1.49 -6.36 7.72
N GLY A 89 -0.52 -7.27 7.60
CA GLY A 89 -0.16 -7.86 6.33
C GLY A 89 -0.28 -9.38 6.38
N TYR A 90 -0.66 -9.97 5.25
CA TYR A 90 -0.90 -11.40 5.17
C TYR A 90 -0.27 -11.92 3.89
N ILE A 91 0.43 -13.05 4.00
CA ILE A 91 0.90 -13.79 2.85
C ILE A 91 -0.02 -14.99 2.68
N TRP A 92 -0.56 -15.14 1.47
CA TRP A 92 -1.55 -16.16 1.16
C TRP A 92 -0.94 -17.23 0.26
N GLU A 93 -1.47 -18.46 0.34
CA GLU A 93 -1.21 -19.49 -0.65
C GLU A 93 -2.44 -19.63 -1.54
N MET A 94 -2.22 -19.66 -2.85
CA MET A 94 -3.28 -19.95 -3.81
C MET A 94 -3.62 -21.43 -3.76
N MET A 95 -4.86 -21.75 -3.39
CA MET A 95 -5.29 -23.12 -3.21
C MET A 95 -6.03 -23.62 -4.46
N GLU A 96 -6.74 -22.71 -5.13
CA GLU A 96 -7.58 -23.08 -6.25
C GLU A 96 -7.99 -21.83 -7.03
N LEU A 97 -7.86 -21.93 -8.36
CA LEU A 97 -8.34 -20.91 -9.28
C LEU A 97 -9.54 -21.49 -10.03
N THR A 98 -10.54 -20.65 -10.30
CA THR A 98 -11.79 -21.12 -10.90
C THR A 98 -12.42 -19.99 -11.72
N HIS A 99 -12.81 -20.32 -12.95
CA HIS A 99 -13.56 -19.42 -13.81
C HIS A 99 -15.03 -19.78 -13.70
N CYS A 100 -15.85 -18.79 -13.34
CA CYS A 100 -17.30 -18.88 -13.47
C CYS A 100 -17.81 -17.59 -14.08
N SER A 101 -17.48 -17.39 -15.36
CA SER A 101 -17.62 -16.11 -16.04
C SER A 101 -18.93 -15.42 -15.67
N GLN A 102 -20.01 -16.20 -15.57
CA GLN A 102 -21.33 -15.70 -15.21
C GLN A 102 -21.20 -14.70 -14.07
N PRO A 103 -21.24 -13.37 -14.35
CA PRO A 103 -21.02 -12.34 -13.34
C PRO A 103 -22.34 -11.78 -12.81
N ASN A 104 -23.38 -12.62 -12.86
CA ASN A 104 -24.74 -12.21 -12.56
C ASN A 104 -24.82 -11.73 -11.11
N GLY A 105 -24.06 -12.41 -10.22
CA GLY A 105 -24.02 -12.07 -8.81
C GLY A 105 -23.53 -10.64 -8.58
N LEU A 106 -24.27 -9.89 -7.74
CA LEU A 106 -23.86 -8.56 -7.33
C LEU A 106 -22.57 -8.69 -6.51
N ILE A 107 -21.62 -7.79 -6.79
CA ILE A 107 -20.28 -7.90 -6.24
C ILE A 107 -19.94 -6.58 -5.55
N ASP A 108 -19.48 -6.68 -4.29
CA ASP A 108 -18.98 -5.53 -3.56
C ASP A 108 -17.53 -5.31 -3.98
N ASP A 109 -17.21 -4.08 -4.39
CA ASP A 109 -15.84 -3.72 -4.70
C ASP A 109 -15.15 -3.27 -3.42
N ASN A 110 -14.74 -4.25 -2.60
CA ASN A 110 -14.31 -3.98 -1.23
C ASN A 110 -12.80 -4.10 -1.09
N CYS A 111 -12.07 -4.16 -2.21
CA CYS A 111 -10.61 -4.22 -2.18
C CYS A 111 -10.06 -3.63 -3.47
N GLU A 112 -8.76 -3.30 -3.46
CA GLU A 112 -8.11 -2.77 -4.65
C GLU A 112 -6.82 -3.54 -4.93
N ILE A 113 -6.77 -4.11 -6.14
CA ILE A 113 -5.71 -5.02 -6.55
C ILE A 113 -4.58 -4.22 -7.20
N LYS A 114 -3.35 -4.59 -6.85
CA LYS A 114 -2.15 -3.95 -7.40
C LYS A 114 -1.24 -5.04 -7.94
N PHE A 115 -1.06 -5.06 -9.26
CA PHE A 115 -0.20 -6.04 -9.90
C PHE A 115 1.24 -5.53 -9.89
N SER A 116 2.21 -6.44 -9.75
CA SER A 116 3.60 -6.07 -9.79
C SER A 116 4.48 -7.28 -10.08
N LYS A 117 5.76 -7.00 -10.35
CA LYS A 117 6.77 -8.00 -10.58
C LYS A 117 7.63 -8.13 -9.31
N LYS A 118 8.35 -9.25 -9.18
CA LYS A 118 9.33 -9.39 -8.12
C LYS A 118 10.44 -8.37 -8.38
N LEU A 119 11.04 -7.87 -7.29
CA LEU A 119 12.03 -6.82 -7.39
C LEU A 119 13.42 -7.45 -7.54
N SER A 120 14.19 -6.93 -8.51
CA SER A 120 15.57 -7.36 -8.70
C SER A 120 16.39 -6.97 -7.47
N ASP A 121 17.60 -7.55 -7.37
CA ASP A 121 18.48 -7.30 -6.24
C ASP A 121 19.09 -5.90 -6.37
N SER A 122 19.15 -5.38 -7.60
CA SER A 122 19.72 -4.08 -7.89
C SER A 122 18.77 -2.96 -7.44
N THR A 123 17.51 -3.03 -7.91
CA THR A 123 16.46 -2.12 -7.48
C THR A 123 16.35 -2.15 -5.95
N MET A 124 16.36 -3.36 -5.40
CA MET A 124 16.31 -3.58 -3.96
C MET A 124 17.52 -2.94 -3.27
N THR A 125 18.67 -2.96 -3.93
CA THR A 125 19.88 -2.34 -3.42
C THR A 125 19.74 -0.81 -3.48
N ASN A 126 19.13 -0.31 -4.56
CA ASN A 126 18.91 1.12 -4.72
C ASN A 126 18.09 1.64 -3.55
N TYR A 127 16.97 0.97 -3.26
CA TYR A 127 16.11 1.35 -2.16
C TYR A 127 16.91 1.31 -0.86
N MET A 128 17.70 0.25 -0.65
CA MET A 128 18.49 0.12 0.57
C MET A 128 19.38 1.36 0.71
N ASN A 129 20.03 1.77 -0.39
CA ASN A 129 20.90 2.93 -0.38
C ASN A 129 20.10 4.18 -0.02
N GLN A 130 18.97 4.36 -0.73
CA GLN A 130 18.19 5.59 -0.67
C GLN A 130 17.48 5.73 0.68
N LEU A 131 16.93 4.62 1.22
CA LEU A 131 16.27 4.65 2.51
C LEU A 131 17.29 4.80 3.64
N SER A 132 18.53 4.34 3.43
CA SER A 132 19.58 4.49 4.42
C SER A 132 19.94 5.97 4.57
N GLU A 133 19.99 6.67 3.43
CA GLU A 133 20.25 8.10 3.39
C GLU A 133 19.13 8.85 4.12
N LEU A 134 17.89 8.53 3.75
CA LEU A 134 16.71 9.26 4.19
C LEU A 134 16.49 9.08 5.69
N LEU A 135 16.48 7.82 6.14
CA LEU A 135 16.14 7.49 7.51
C LEU A 135 17.37 7.51 8.40
N GLY A 136 18.56 7.42 7.78
CA GLY A 136 19.82 7.67 8.49
C GLY A 136 20.44 6.41 9.08
N PHE A 137 19.89 5.23 8.76
CA PHE A 137 20.46 3.98 9.22
C PHE A 137 21.61 3.59 8.27
N LYS B 40 -13.41 16.74 10.32
CA LYS B 40 -12.37 16.18 11.23
C LYS B 40 -11.50 17.33 11.75
N LEU B 41 -10.56 17.00 12.64
CA LEU B 41 -9.81 17.99 13.40
C LEU B 41 -8.40 18.16 12.81
N LEU B 42 -8.08 19.39 12.39
CA LEU B 42 -6.78 19.74 11.82
C LEU B 42 -5.72 19.75 12.92
N ALA B 43 -4.60 19.08 12.68
CA ALA B 43 -3.55 18.94 13.69
C ALA B 43 -2.24 19.59 13.25
N TRP B 44 -2.03 19.74 11.94
CA TRP B 44 -0.77 20.22 11.40
C TRP B 44 -0.94 20.63 9.94
N SER B 45 -0.16 21.62 9.51
CA SER B 45 -0.03 21.94 8.10
C SER B 45 1.44 22.19 7.79
N GLY B 46 1.81 22.01 6.53
CA GLY B 46 3.18 22.19 6.11
C GLY B 46 3.39 21.72 4.67
N VAL B 47 4.61 21.26 4.39
CA VAL B 47 4.99 20.86 3.05
C VAL B 47 5.49 19.42 3.09
N LEU B 48 5.14 18.65 2.05
CA LEU B 48 5.65 17.32 1.84
C LEU B 48 6.50 17.33 0.57
N GLU B 49 7.82 17.19 0.74
CA GLU B 49 8.77 17.24 -0.35
C GLU B 49 8.94 15.84 -0.92
N TRP B 50 8.39 15.64 -2.12
CA TRP B 50 8.42 14.36 -2.82
C TRP B 50 9.66 14.30 -3.73
N GLN B 51 10.62 13.45 -3.36
CA GLN B 51 11.85 13.25 -4.12
C GLN B 51 11.66 12.03 -5.01
N GLU B 52 11.62 12.24 -6.34
CA GLU B 52 11.24 11.19 -7.27
C GLU B 52 12.39 10.21 -7.48
N LYS B 53 13.64 10.66 -7.30
CA LYS B 53 14.81 9.81 -7.46
C LYS B 53 14.68 8.96 -8.73
N PRO B 54 14.45 9.59 -9.91
CA PRO B 54 14.20 8.82 -11.14
C PRO B 54 15.46 8.12 -11.67
N LEU B 65 12.76 16.69 -10.52
CA LEU B 65 13.38 15.75 -9.53
C LEU B 65 12.58 15.80 -8.23
N THR B 66 12.64 16.95 -7.55
CA THR B 66 12.05 17.11 -6.23
C THR B 66 10.80 17.97 -6.36
N ARG B 67 9.62 17.35 -6.23
CA ARG B 67 8.35 18.06 -6.23
C ARG B 67 7.94 18.33 -4.78
N SER B 68 7.41 19.53 -4.54
CA SER B 68 7.10 20.01 -3.20
C SER B 68 5.62 20.36 -3.10
N LEU B 69 4.88 19.60 -2.31
CA LEU B 69 3.42 19.67 -2.31
C LEU B 69 2.91 20.04 -0.91
N PRO B 70 2.11 21.12 -0.76
CA PRO B 70 1.63 21.57 0.55
C PRO B 70 0.42 20.73 0.97
N CYS B 71 0.34 20.44 2.27
CA CYS B 71 -0.62 19.47 2.77
C CYS B 71 -0.98 19.75 4.23
N GLN B 72 -2.10 19.15 4.64
CA GLN B 72 -2.60 19.26 6.00
C GLN B 72 -2.72 17.84 6.57
N VAL B 73 -2.63 17.72 7.90
CA VAL B 73 -2.84 16.43 8.55
C VAL B 73 -3.99 16.56 9.53
N TYR B 74 -5.03 15.75 9.33
CA TYR B 74 -6.20 15.75 10.18
C TYR B 74 -6.23 14.47 11.02
N VAL B 75 -6.81 14.58 12.22
CA VAL B 75 -7.11 13.44 13.07
C VAL B 75 -8.60 13.50 13.39
N ASN B 76 -9.12 12.43 14.01
CA ASN B 76 -10.53 12.32 14.28
C ASN B 76 -10.95 13.32 15.37
N HIS B 77 -12.26 13.62 15.38
CA HIS B 77 -12.88 14.50 16.35
C HIS B 77 -12.35 14.23 17.76
N GLY B 78 -12.34 12.96 18.15
CA GLY B 78 -11.93 12.55 19.48
C GLY B 78 -10.41 12.61 19.68
N GLU B 79 -9.65 12.22 18.64
CA GLU B 79 -8.22 12.01 18.75
C GLU B 79 -7.49 13.28 19.17
N ASN B 80 -6.27 13.09 19.71
CA ASN B 80 -5.37 14.17 20.08
C ASN B 80 -3.94 13.78 19.72
N LEU B 81 -3.25 14.64 18.95
CA LEU B 81 -1.87 14.44 18.57
C LEU B 81 -1.10 15.75 18.71
N LYS B 82 0.18 15.64 19.08
CA LYS B 82 1.02 16.80 19.39
C LYS B 82 2.02 17.04 18.28
N THR B 83 1.79 18.10 17.49
CA THR B 83 2.50 18.32 16.23
C THR B 83 3.38 19.57 16.31
N GLU B 84 3.52 20.16 17.50
CA GLU B 84 4.24 21.42 17.65
C GLU B 84 5.74 21.20 17.43
N GLN B 85 6.23 19.99 17.72
CA GLN B 85 7.65 19.68 17.58
C GLN B 85 7.97 19.21 16.16
N TRP B 86 6.93 19.02 15.33
CA TRP B 86 7.13 18.61 13.95
C TRP B 86 7.80 19.73 13.16
N PRO B 87 8.62 19.40 12.14
CA PRO B 87 9.08 20.40 11.18
C PRO B 87 7.95 20.80 10.23
N GLN B 88 8.17 21.90 9.52
CA GLN B 88 7.20 22.41 8.57
C GLN B 88 7.30 21.64 7.25
N LYS B 89 8.46 21.00 7.01
CA LYS B 89 8.68 20.22 5.80
C LYS B 89 8.96 18.77 6.17
N LEU B 90 8.29 17.85 5.46
CA LEU B 90 8.53 16.43 5.55
C LEU B 90 9.06 15.93 4.21
N ILE B 91 9.98 14.95 4.25
CA ILE B 91 10.63 14.44 3.05
C ILE B 91 10.12 13.03 2.79
N MET B 92 9.67 12.75 1.56
CA MET B 92 9.07 11.46 1.24
C MET B 92 9.74 10.86 0.01
N GLN B 93 9.85 9.51 0.03
CA GLN B 93 10.24 8.72 -1.12
C GLN B 93 9.24 7.58 -1.29
N LEU B 94 8.77 7.39 -2.53
CA LEU B 94 7.81 6.33 -2.84
C LEU B 94 8.55 5.00 -2.89
N ILE B 95 7.99 3.99 -2.22
CA ILE B 95 8.52 2.64 -2.28
C ILE B 95 7.37 1.70 -2.60
N PRO B 96 7.63 0.51 -3.19
CA PRO B 96 6.57 -0.46 -3.48
C PRO B 96 5.96 -0.96 -2.17
N GLN B 97 4.64 -0.88 -2.03
N GLN B 97 4.63 -0.94 -2.09
CA GLN B 97 4.01 -1.14 -0.74
CA GLN B 97 3.89 -1.37 -0.92
C GLN B 97 3.91 -2.65 -0.52
C GLN B 97 4.26 -2.81 -0.57
N GLN B 98 4.35 -3.43 -1.51
N GLN B 98 4.41 -3.65 -1.62
CA GLN B 98 4.51 -4.87 -1.34
CA GLN B 98 4.82 -5.04 -1.43
C GLN B 98 5.53 -5.16 -0.25
C GLN B 98 5.64 -5.16 -0.15
N LEU B 99 6.44 -4.21 -0.01
N LEU B 99 6.60 -4.25 0.00
CA LEU B 99 7.55 -4.40 0.91
CA LEU B 99 7.66 -4.39 0.99
C LEU B 99 7.09 -4.30 2.36
C LEU B 99 7.10 -4.29 2.41
N LEU B 100 5.90 -3.72 2.58
CA LEU B 100 5.39 -3.40 3.91
C LEU B 100 4.67 -4.59 4.55
N THR B 101 4.48 -5.70 3.81
CA THR B 101 3.61 -6.77 4.24
C THR B 101 4.10 -7.40 5.55
N THR B 102 5.40 -7.66 5.65
CA THR B 102 5.97 -8.36 6.81
C THR B 102 6.28 -7.40 7.95
N LEU B 103 6.04 -6.09 7.73
CA LEU B 103 6.01 -5.12 8.80
C LEU B 103 4.59 -4.97 9.35
N GLY B 104 3.70 -5.88 8.91
CA GLY B 104 2.29 -5.86 9.25
C GLY B 104 2.06 -5.65 10.74
N PRO B 105 2.65 -6.49 11.62
CA PRO B 105 2.41 -6.39 13.07
C PRO B 105 2.82 -5.04 13.65
N LEU B 106 3.86 -4.42 13.09
CA LEU B 106 4.40 -3.18 13.63
C LEU B 106 3.52 -2.01 13.19
N PHE B 107 3.16 -2.00 11.91
CA PHE B 107 2.20 -1.06 11.33
C PHE B 107 0.88 -1.05 12.09
N ARG B 108 0.42 -2.23 12.53
CA ARG B 108 -0.85 -2.38 13.22
C ARG B 108 -0.84 -1.60 14.53
N ASN B 109 0.33 -1.59 15.21
CA ASN B 109 0.54 -0.76 16.39
C ASN B 109 0.92 0.64 15.94
N SER B 110 -0.05 1.39 15.41
CA SER B 110 0.18 2.70 14.82
C SER B 110 -0.96 3.66 15.14
N ARG B 111 -0.62 4.95 15.12
CA ARG B 111 -1.60 6.03 15.05
C ARG B 111 -1.91 6.28 13.59
N MET B 112 -3.21 6.28 13.24
CA MET B 112 -3.62 6.55 11.87
C MET B 112 -4.03 8.02 11.77
N VAL B 113 -3.50 8.70 10.75
CA VAL B 113 -3.84 10.09 10.48
C VAL B 113 -4.23 10.20 9.00
N GLN B 114 -4.81 11.35 8.64
CA GLN B 114 -5.22 11.58 7.26
C GLN B 114 -4.44 12.77 6.71
N PHE B 115 -3.98 12.65 5.47
CA PHE B 115 -3.32 13.72 4.76
C PHE B 115 -4.28 14.31 3.73
N HIS B 116 -4.32 15.65 3.66
CA HIS B 116 -5.12 16.36 2.68
C HIS B 116 -4.22 17.34 1.93
N PHE B 117 -4.16 17.19 0.60
CA PHE B 117 -3.32 18.03 -0.24
C PHE B 117 -4.10 19.26 -0.67
N THR B 118 -3.44 20.43 -0.61
CA THR B 118 -4.09 21.72 -0.78
C THR B 118 -4.18 22.07 -2.27
N ASN B 119 -3.83 21.13 -3.15
CA ASN B 119 -4.17 21.19 -4.56
C ASN B 119 -3.58 22.43 -5.20
N LYS B 120 -2.44 22.92 -4.68
CA LYS B 120 -1.82 24.12 -5.19
C LYS B 120 -1.41 23.87 -6.64
N ASP B 121 -0.69 22.76 -6.87
CA ASP B 121 -0.38 22.32 -8.22
C ASP B 121 -0.99 20.94 -8.44
N LEU B 122 -2.18 20.91 -9.08
CA LEU B 122 -2.87 19.67 -9.39
C LEU B 122 -1.98 18.78 -10.26
N GLU B 123 -1.09 19.40 -11.04
CA GLU B 123 -0.17 18.70 -11.91
C GLU B 123 0.68 17.72 -11.10
N SER B 124 1.27 18.21 -9.99
CA SER B 124 2.10 17.38 -9.13
C SER B 124 1.26 16.26 -8.50
N LEU B 125 0.03 16.61 -8.09
CA LEU B 125 -0.82 15.71 -7.33
C LEU B 125 -1.27 14.53 -8.20
N LYS B 126 -1.53 14.77 -9.49
CA LYS B 126 -2.00 13.73 -10.39
C LYS B 126 -0.90 12.69 -10.62
N GLY B 127 0.37 13.13 -10.57
CA GLY B 127 1.49 12.20 -10.60
C GLY B 127 1.51 11.29 -9.37
N LEU B 128 1.19 11.88 -8.21
CA LEU B 128 1.18 11.16 -6.94
C LEU B 128 0.03 10.16 -6.93
N TYR B 129 -1.16 10.60 -7.33
CA TYR B 129 -2.34 9.74 -7.43
C TYR B 129 -2.02 8.49 -8.26
N ARG B 130 -1.26 8.67 -9.34
CA ARG B 130 -1.06 7.64 -10.34
C ARG B 130 -0.06 6.59 -9.84
N ILE B 131 1.11 7.07 -9.38
CA ILE B 131 2.18 6.18 -8.96
C ILE B 131 1.74 5.40 -7.71
N MET B 132 1.20 6.13 -6.73
CA MET B 132 0.77 5.51 -5.48
C MET B 132 -0.40 4.55 -5.75
N GLY B 133 -1.23 4.89 -6.75
CA GLY B 133 -2.33 4.03 -7.15
C GLY B 133 -1.87 2.72 -7.77
N ASN B 134 -0.67 2.72 -8.37
CA ASN B 134 -0.09 1.53 -8.99
C ASN B 134 0.46 0.59 -7.93
N GLY B 135 0.63 1.08 -6.70
CA GLY B 135 1.06 0.26 -5.58
C GLY B 135 2.37 0.77 -4.97
N PHE B 136 2.46 2.09 -4.77
CA PHE B 136 3.61 2.69 -4.12
C PHE B 136 3.13 3.42 -2.86
N ALA B 137 3.86 3.21 -1.76
CA ALA B 137 3.60 3.91 -0.52
C ALA B 137 4.73 4.92 -0.28
N GLY B 138 4.43 5.94 0.52
CA GLY B 138 5.38 7.00 0.81
C GLY B 138 6.05 6.80 2.18
N CYS B 139 7.37 6.61 2.16
CA CYS B 139 8.17 6.67 3.37
C CYS B 139 8.46 8.14 3.67
N VAL B 140 8.00 8.62 4.84
CA VAL B 140 8.04 10.04 5.16
C VAL B 140 8.98 10.25 6.34
N HIS B 141 10.12 10.88 6.05
CA HIS B 141 11.11 11.23 7.06
C HIS B 141 10.82 12.62 7.63
N PHE B 142 10.97 12.75 8.95
CA PHE B 142 10.90 14.01 9.65
C PHE B 142 12.32 14.52 9.90
N PRO B 143 12.82 15.55 9.17
CA PRO B 143 14.15 16.10 9.42
C PRO B 143 14.28 16.70 10.83
N HIS B 144 15.24 16.15 11.58
CA HIS B 144 15.61 16.67 12.90
C HIS B 144 17.11 16.51 13.08
N THR B 145 17.76 17.57 13.58
CA THR B 145 19.15 17.51 14.00
C THR B 145 19.21 17.11 15.48
N ALA B 146 18.12 17.34 16.21
CA ALA B 146 17.97 16.91 17.59
C ALA B 146 16.92 15.80 17.67
N PRO B 147 16.98 14.91 18.71
CA PRO B 147 16.02 13.80 18.82
C PRO B 147 14.62 14.26 19.23
N CYS B 148 13.62 13.90 18.41
CA CYS B 148 12.22 14.11 18.74
C CYS B 148 11.50 12.77 18.74
N GLU B 149 10.19 12.79 19.03
CA GLU B 149 9.40 11.57 19.09
C GLU B 149 9.20 11.01 17.67
N VAL B 150 8.41 11.71 16.85
CA VAL B 150 8.06 11.21 15.53
C VAL B 150 9.22 11.50 14.57
N ARG B 151 9.74 10.43 13.96
CA ARG B 151 10.81 10.51 12.98
C ARG B 151 10.34 10.01 11.62
N VAL B 152 9.36 9.10 11.60
CA VAL B 152 8.90 8.49 10.36
C VAL B 152 7.41 8.18 10.44
N LEU B 153 6.74 8.29 9.29
CA LEU B 153 5.42 7.71 9.08
C LEU B 153 5.34 7.17 7.66
N MET B 154 4.38 6.27 7.41
CA MET B 154 4.17 5.70 6.09
C MET B 154 2.83 6.18 5.54
N LEU B 155 2.84 6.62 4.28
CA LEU B 155 1.67 7.21 3.65
C LEU B 155 1.14 6.24 2.58
N LEU B 156 -0.13 5.86 2.72
CA LEU B 156 -0.77 4.92 1.80
C LEU B 156 -1.97 5.59 1.16
N TYR B 157 -2.21 5.25 -0.12
CA TYR B 157 -3.29 5.88 -0.87
C TYR B 157 -4.28 4.82 -1.34
N SER B 158 -5.55 5.00 -0.97
CA SER B 158 -6.64 4.17 -1.49
C SER B 158 -7.25 4.84 -2.71
N SER B 159 -7.20 4.14 -3.85
CA SER B 159 -7.75 4.65 -5.10
C SER B 159 -9.27 4.58 -5.10
N LYS B 160 -9.82 3.51 -4.51
CA LYS B 160 -11.27 3.38 -4.35
C LYS B 160 -11.81 4.55 -3.53
N LYS B 161 -11.32 4.70 -2.29
CA LYS B 161 -11.88 5.64 -1.32
C LYS B 161 -11.33 7.05 -1.53
N LYS B 162 -10.25 7.20 -2.31
CA LYS B 162 -9.64 8.49 -2.57
C LYS B 162 -9.24 9.17 -1.26
N ILE B 163 -8.43 8.50 -0.44
CA ILE B 163 -7.91 9.11 0.78
C ILE B 163 -6.46 8.69 0.98
N PHE B 164 -5.68 9.61 1.58
CA PHE B 164 -4.30 9.36 1.97
C PHE B 164 -4.26 9.10 3.46
N MET B 165 -3.78 7.91 3.84
CA MET B 165 -3.65 7.54 5.24
C MET B 165 -2.18 7.61 5.64
N GLY B 166 -1.92 8.28 6.75
CA GLY B 166 -0.62 8.22 7.40
C GLY B 166 -0.64 7.25 8.57
N LEU B 167 0.37 6.37 8.62
CA LEU B 167 0.57 5.48 9.75
C LEU B 167 1.79 5.95 10.52
N ILE B 168 1.59 6.27 11.80
CA ILE B 168 2.68 6.68 12.67
C ILE B 168 2.92 5.56 13.68
N PRO B 169 3.98 4.73 13.47
CA PRO B 169 4.32 3.66 14.41
C PRO B 169 4.53 4.20 15.83
N TYR B 170 3.90 3.55 16.81
CA TYR B 170 4.16 3.87 18.20
C TYR B 170 5.61 3.52 18.53
N ASP B 171 6.11 2.42 17.94
CA ASP B 171 7.50 2.03 18.07
C ASP B 171 8.29 2.54 16.85
N GLN B 172 8.81 3.76 16.97
CA GLN B 172 9.48 4.42 15.85
C GLN B 172 10.77 3.68 15.48
N SER B 173 11.58 3.32 16.48
CA SER B 173 12.86 2.66 16.25
C SER B 173 12.65 1.28 15.63
N GLY B 174 11.73 0.50 16.22
CA GLY B 174 11.36 -0.78 15.66
C GLY B 174 11.04 -0.70 14.17
N PHE B 175 10.29 0.33 13.79
CA PHE B 175 9.82 0.44 12.42
C PHE B 175 10.97 0.68 11.45
N VAL B 176 11.82 1.66 11.76
CA VAL B 176 12.95 2.00 10.90
C VAL B 176 13.82 0.77 10.72
N ASN B 177 14.06 0.05 11.82
CA ASN B 177 14.86 -1.16 11.80
C ASN B 177 14.15 -2.24 10.99
N GLY B 178 12.82 -2.27 11.08
CA GLY B 178 11.99 -3.15 10.25
C GLY B 178 12.21 -2.90 8.76
N ILE B 179 12.08 -1.63 8.35
CA ILE B 179 12.31 -1.21 6.96
C ILE B 179 13.65 -1.77 6.50
N ARG B 180 14.69 -1.51 7.30
CA ARG B 180 16.05 -1.93 6.99
C ARG B 180 16.09 -3.42 6.69
N GLN B 181 15.47 -4.21 7.58
CA GLN B 181 15.61 -5.66 7.57
C GLN B 181 14.85 -6.27 6.39
N VAL B 182 13.90 -5.53 5.82
CA VAL B 182 13.17 -5.98 4.64
C VAL B 182 14.00 -5.72 3.39
N ILE B 183 14.71 -4.57 3.35
CA ILE B 183 15.38 -4.14 2.13
C ILE B 183 16.82 -4.63 2.10
N THR B 184 17.40 -4.98 3.26
CA THR B 184 18.79 -5.39 3.33
C THR B 184 18.92 -6.85 2.90
N ASN B 185 19.28 -7.07 1.63
CA ASN B 185 19.40 -8.37 1.01
C ASN B 185 18.02 -9.03 0.92
#